data_5MJ5
#
_entry.id   5MJ5
#
_cell.length_a   68.159
_cell.length_b   68.159
_cell.length_c   109.719
_cell.angle_alpha   90.000
_cell.angle_beta   90.000
_cell.angle_gamma   90.000
#
_symmetry.space_group_name_H-M   'P 43 21 2'
#
loop_
_entity.id
_entity.type
_entity.pdbx_description
1 polymer 'Retinoic acid receptor RXR-alpha'
2 polymer LYS-HIS-LYS-ILE-LEU-HIS-ARG-LEU-LEU-GLN-ASP-SER
3 non-polymer '(~{E})-3-[4-oxidanyl-3-[3-(phenylmethyl)phenyl]phenyl]prop-2-enoic acid'
4 water water
#
loop_
_entity_poly.entity_id
_entity_poly.type
_entity_poly.pdbx_seq_one_letter_code
_entity_poly.pdbx_strand_id
1 'polypeptide(L)'
;DMPVERILEAELAVEPKTETYVEANMGLNPSSPNDPVTNICQAADKQLFTLVEWAKRIPHFSELPLDDQVILLRAGWNEL
LIASFSHRSIAVKDGILLATGLHVHRNSAHSAGVGAIFDRVLTELVSKMRDMQMDKTELGCLRAIVLFNPDSKGLSNPAE
VEALREKVYASLEAYCKHKYPEQPGRFAKLLLRLPALRSIGLKCLEHLFFFKLIGDTPIDTFLMEMLEA
;
A
2 'polypeptide(L)' KHKILHRLLQDSS B
#
loop_
_chem_comp.id
_chem_comp.type
_chem_comp.name
_chem_comp.formula
7O0 non-polymer '(~{E})-3-[4-oxidanyl-3-[3-(phenylmethyl)phenyl]phenyl]prop-2-enoic acid' 'C22 H18 O3'
#
# COMPACT_ATOMS: atom_id res chain seq x y z
N ASP A 1 5.24 18.93 12.45
CA ASP A 1 3.90 18.47 12.81
C ASP A 1 3.34 17.56 11.73
N MET A 2 2.53 16.59 12.13
CA MET A 2 1.96 15.60 11.22
C MET A 2 0.50 15.40 11.56
N PRO A 3 -0.38 16.26 11.03
CA PRO A 3 -1.81 16.17 11.38
C PRO A 3 -2.47 14.99 10.67
N VAL A 4 -3.20 14.18 11.44
CA VAL A 4 -3.93 13.06 10.86
C VAL A 4 -5.02 13.53 9.91
N GLU A 5 -5.50 14.77 10.09
CA GLU A 5 -6.53 15.28 9.20
C GLU A 5 -6.05 15.29 7.75
N ARG A 6 -4.79 15.67 7.52
N ARG A 6 -4.80 15.69 7.52
CA ARG A 6 -4.28 15.70 6.16
CA ARG A 6 -4.28 15.70 6.16
C ARG A 6 -4.05 14.31 5.61
C ARG A 6 -4.09 14.30 5.62
N ILE A 7 -3.62 13.37 6.46
CA ILE A 7 -3.42 12.00 6.01
C ILE A 7 -4.74 11.38 5.59
N LEU A 8 -5.80 11.62 6.37
CA LEU A 8 -7.12 11.16 5.95
C LEU A 8 -7.55 11.82 4.65
N GLU A 9 -7.32 13.14 4.53
CA GLU A 9 -7.62 13.82 3.28
C GLU A 9 -6.88 13.19 2.11
N ALA A 10 -5.64 12.75 2.34
CA ALA A 10 -4.89 12.07 1.29
C ALA A 10 -5.57 10.77 0.89
N GLU A 11 -6.02 9.99 1.87
CA GLU A 11 -6.74 8.76 1.58
C GLU A 11 -8.06 9.08 0.86
N LEU A 12 -8.81 10.05 1.36
CA LEU A 12 -10.08 10.40 0.72
C LEU A 12 -9.87 10.99 -0.67
N ALA A 13 -8.75 11.66 -0.90
CA ALA A 13 -8.52 12.32 -2.17
C ALA A 13 -8.27 11.34 -3.31
N VAL A 14 -7.87 10.10 -3.00
CA VAL A 14 -7.53 9.13 -4.04
C VAL A 14 -8.56 8.02 -4.08
N GLU A 15 -9.79 8.32 -3.67
CA GLU A 15 -10.85 7.34 -3.80
C GLU A 15 -11.61 7.57 -5.11
N PRO A 16 -11.86 6.52 -5.90
CA PRO A 16 -12.54 6.64 -7.19
C PRO A 16 -13.97 7.13 -7.06
N PRO A 33 -10.83 -10.45 -19.62
CA PRO A 33 -11.89 -9.70 -18.95
C PRO A 33 -11.88 -9.91 -17.44
N ASN A 34 -12.46 -11.02 -16.98
CA ASN A 34 -12.49 -11.37 -15.56
C ASN A 34 -11.31 -12.24 -15.14
N ASP A 35 -10.21 -12.17 -15.87
CA ASP A 35 -9.03 -12.98 -15.56
C ASP A 35 -8.29 -12.35 -14.39
N PRO A 36 -8.11 -13.06 -13.26
CA PRO A 36 -7.48 -12.43 -12.09
C PRO A 36 -6.06 -11.96 -12.35
N VAL A 37 -5.25 -12.75 -13.06
CA VAL A 37 -3.86 -12.38 -13.27
C VAL A 37 -3.76 -11.08 -14.07
N THR A 38 -4.46 -11.00 -15.20
CA THR A 38 -4.42 -9.79 -16.02
C THR A 38 -4.96 -8.59 -15.25
N ASN A 39 -6.00 -8.79 -14.44
CA ASN A 39 -6.55 -7.69 -13.66
C ASN A 39 -5.56 -7.22 -12.59
N ILE A 40 -4.84 -8.16 -11.97
CA ILE A 40 -3.85 -7.79 -10.96
C ILE A 40 -2.82 -6.84 -11.56
N CYS A 41 -2.29 -7.19 -12.74
CA CYS A 41 -1.28 -6.35 -13.39
C CYS A 41 -1.88 -5.02 -13.81
N GLN A 42 -3.10 -5.03 -14.34
CA GLN A 42 -3.76 -3.78 -14.71
C GLN A 42 -3.99 -2.90 -13.48
N ALA A 43 -4.44 -3.50 -12.39
CA ALA A 43 -4.73 -2.71 -11.18
C ALA A 43 -3.47 -2.10 -10.60
N ALA A 44 -2.39 -2.88 -10.53
CA ALA A 44 -1.14 -2.36 -9.96
C ALA A 44 -0.64 -1.17 -10.75
N ASP A 45 -0.62 -1.27 -12.08
CA ASP A 45 -0.18 -0.15 -12.91
C ASP A 45 -1.10 1.05 -12.73
N LYS A 46 -2.41 0.82 -12.71
CA LYS A 46 -3.36 1.92 -12.57
C LYS A 46 -3.15 2.67 -11.26
N GLN A 47 -2.96 1.95 -10.15
CA GLN A 47 -2.85 2.57 -8.85
C GLN A 47 -1.48 3.19 -8.59
N LEU A 48 -0.46 2.85 -9.38
CA LEU A 48 0.82 3.53 -9.24
C LEU A 48 0.69 5.01 -9.51
N PHE A 49 -0.10 5.39 -10.52
CA PHE A 49 -0.36 6.79 -10.78
C PHE A 49 -1.08 7.44 -9.60
N THR A 50 -2.10 6.77 -9.06
CA THR A 50 -2.80 7.29 -7.89
C THR A 50 -1.89 7.35 -6.68
N LEU A 51 -0.94 6.42 -6.56
CA LEU A 51 -0.04 6.41 -5.42
C LEU A 51 0.79 7.69 -5.36
N VAL A 52 1.22 8.18 -6.53
CA VAL A 52 2.01 9.41 -6.56
C VAL A 52 1.19 10.58 -6.05
N GLU A 53 -0.06 10.69 -6.49
CA GLU A 53 -0.92 11.76 -6.00
C GLU A 53 -1.15 11.65 -4.50
N TRP A 54 -1.26 10.41 -4.00
CA TRP A 54 -1.43 10.21 -2.57
C TRP A 54 -0.19 10.67 -1.80
N ALA A 55 0.99 10.21 -2.21
CA ALA A 55 2.21 10.57 -1.50
C ALA A 55 2.42 12.07 -1.46
N LYS A 56 2.13 12.76 -2.58
CA LYS A 56 2.26 14.21 -2.61
C LYS A 56 1.41 14.88 -1.56
N ARG A 57 0.29 14.27 -1.18
CA ARG A 57 -0.62 14.83 -0.19
C ARG A 57 -0.22 14.50 1.24
N ILE A 58 0.72 13.58 1.45
CA ILE A 58 1.20 13.30 2.80
C ILE A 58 2.09 14.45 3.25
N PRO A 59 1.86 15.02 4.43
CA PRO A 59 2.62 16.21 4.83
C PRO A 59 4.12 15.97 4.84
N HIS A 60 4.85 16.87 4.19
CA HIS A 60 6.31 16.98 4.18
C HIS A 60 6.97 16.04 3.18
N PHE A 61 6.22 15.12 2.54
CA PHE A 61 6.85 14.22 1.59
C PHE A 61 7.45 14.98 0.41
N SER A 62 6.66 15.90 -0.18
CA SER A 62 7.14 16.66 -1.33
C SER A 62 8.31 17.55 -0.96
N GLU A 63 8.53 17.82 0.32
CA GLU A 63 9.66 18.63 0.75
C GLU A 63 10.98 17.86 0.73
N LEU A 64 10.91 16.53 0.70
CA LEU A 64 12.13 15.72 0.61
C LEU A 64 12.79 15.92 -0.75
N PRO A 65 14.09 15.68 -0.84
CA PRO A 65 14.76 15.72 -2.15
C PRO A 65 14.06 14.81 -3.14
N LEU A 66 14.03 15.25 -4.41
CA LEU A 66 13.34 14.47 -5.43
C LEU A 66 13.86 13.04 -5.50
N ASP A 67 15.19 12.86 -5.41
CA ASP A 67 15.76 11.52 -5.49
C ASP A 67 15.33 10.66 -4.31
N ASP A 68 15.09 11.27 -3.15
CA ASP A 68 14.62 10.49 -2.00
C ASP A 68 13.16 10.11 -2.16
N GLN A 69 12.34 10.99 -2.72
CA GLN A 69 10.96 10.64 -3.01
C GLN A 69 10.89 9.41 -3.91
N VAL A 70 11.75 9.36 -4.94
CA VAL A 70 11.79 8.20 -5.82
C VAL A 70 12.19 6.96 -5.05
N ILE A 71 13.22 7.07 -4.20
CA ILE A 71 13.69 5.92 -3.43
C ILE A 71 12.58 5.38 -2.54
N LEU A 72 11.86 6.28 -1.87
CA LEU A 72 10.81 5.83 -0.94
C LEU A 72 9.65 5.18 -1.69
N LEU A 73 9.27 5.73 -2.84
CA LEU A 73 8.16 5.16 -3.60
C LEU A 73 8.56 3.85 -4.28
N ARG A 74 9.79 3.78 -4.78
CA ARG A 74 10.25 2.52 -5.37
C ARG A 74 10.39 1.42 -4.34
N ALA A 75 10.65 1.78 -3.08
CA ALA A 75 10.86 0.80 -2.03
C ALA A 75 9.56 0.35 -1.36
N GLY A 76 8.50 1.15 -1.43
CA GLY A 76 7.29 0.84 -0.69
C GLY A 76 6.02 0.77 -1.50
N TRP A 77 6.10 1.00 -2.82
CA TRP A 77 4.90 1.04 -3.63
C TRP A 77 4.10 -0.26 -3.51
N ASN A 78 4.79 -1.40 -3.47
CA ASN A 78 4.09 -2.69 -3.45
C ASN A 78 3.28 -2.84 -2.16
N GLU A 79 3.94 -2.68 -1.00
CA GLU A 79 3.22 -2.75 0.26
C GLU A 79 2.13 -1.68 0.33
N LEU A 80 2.43 -0.48 -0.17
CA LEU A 80 1.44 0.61 -0.12
C LEU A 80 0.18 0.23 -0.89
N LEU A 81 0.33 -0.39 -2.07
CA LEU A 81 -0.83 -0.79 -2.84
C LEU A 81 -1.54 -1.98 -2.19
N ILE A 82 -0.77 -2.90 -1.60
CA ILE A 82 -1.38 -4.06 -0.96
C ILE A 82 -2.24 -3.64 0.22
N ALA A 83 -1.71 -2.72 1.05
CA ALA A 83 -2.50 -2.20 2.16
C ALA A 83 -3.80 -1.58 1.66
N SER A 84 -3.75 -0.91 0.51
CA SER A 84 -4.93 -0.22 0.00
C SER A 84 -6.02 -1.20 -0.41
N PHE A 85 -5.70 -2.16 -1.29
CA PHE A 85 -6.74 -3.06 -1.76
C PHE A 85 -7.20 -4.02 -0.67
N SER A 86 -6.36 -4.28 0.34
CA SER A 86 -6.80 -5.09 1.47
C SER A 86 -7.88 -4.37 2.26
N HIS A 87 -7.62 -3.12 2.65
CA HIS A 87 -8.62 -2.35 3.37
C HIS A 87 -9.86 -2.12 2.50
N ARG A 88 -9.65 -1.94 1.20
CA ARG A 88 -10.76 -1.76 0.28
C ARG A 88 -11.68 -2.99 0.23
N SER A 89 -11.18 -4.16 0.62
CA SER A 89 -11.92 -5.40 0.50
C SER A 89 -12.56 -5.84 1.82
N ILE A 90 -12.58 -4.97 2.83
CA ILE A 90 -13.15 -5.36 4.12
C ILE A 90 -14.63 -5.66 3.99
N ALA A 91 -15.31 -5.00 3.05
CA ALA A 91 -16.74 -5.22 2.82
C ALA A 91 -17.03 -6.41 1.92
N VAL A 92 -16.02 -6.87 1.16
CA VAL A 92 -16.23 -8.02 0.28
C VAL A 92 -16.29 -9.29 1.11
N LYS A 93 -17.14 -10.22 0.69
CA LYS A 93 -17.32 -11.50 1.39
C LYS A 93 -16.29 -12.49 0.84
N ASP A 94 -15.23 -12.74 1.61
CA ASP A 94 -14.16 -13.66 1.23
C ASP A 94 -13.71 -13.41 -0.21
N GLY A 95 -13.20 -12.20 -0.44
CA GLY A 95 -12.74 -11.83 -1.75
C GLY A 95 -11.93 -10.55 -1.69
N ILE A 96 -11.29 -10.24 -2.82
CA ILE A 96 -10.46 -9.06 -2.97
C ILE A 96 -11.03 -8.21 -4.09
N LEU A 97 -11.15 -6.91 -3.83
CA LEU A 97 -11.65 -5.96 -4.83
C LEU A 97 -10.45 -5.22 -5.43
N LEU A 98 -10.14 -5.55 -6.69
CA LEU A 98 -9.02 -4.93 -7.37
C LEU A 98 -9.42 -3.56 -7.92
N ALA A 99 -8.39 -2.76 -8.22
CA ALA A 99 -8.64 -1.39 -8.69
C ALA A 99 -9.40 -1.35 -10.01
N THR A 100 -9.40 -2.44 -10.77
CA THR A 100 -10.15 -2.49 -12.02
C THR A 100 -11.63 -2.74 -11.81
N GLY A 101 -12.08 -2.89 -10.56
CA GLY A 101 -13.47 -3.18 -10.27
C GLY A 101 -13.81 -4.65 -10.20
N LEU A 102 -12.86 -5.53 -10.47
CA LEU A 102 -13.11 -6.97 -10.46
C LEU A 102 -13.03 -7.51 -9.04
N HIS A 103 -14.08 -8.22 -8.62
CA HIS A 103 -14.07 -8.93 -7.34
C HIS A 103 -13.54 -10.34 -7.57
N VAL A 104 -12.43 -10.67 -6.93
CA VAL A 104 -11.82 -11.99 -7.04
C VAL A 104 -12.13 -12.75 -5.75
N HIS A 105 -12.84 -13.86 -5.88
CA HIS A 105 -13.18 -14.70 -4.74
C HIS A 105 -12.22 -15.88 -4.65
N ARG A 106 -12.40 -16.70 -3.60
N ARG A 106 -12.39 -16.69 -3.59
CA ARG A 106 -11.45 -17.77 -3.32
CA ARG A 106 -11.44 -17.77 -3.33
C ARG A 106 -11.38 -18.75 -4.49
C ARG A 106 -11.37 -18.75 -4.50
N ASN A 107 -12.54 -19.17 -5.01
CA ASN A 107 -12.55 -20.13 -6.10
C ASN A 107 -11.83 -19.58 -7.33
N SER A 108 -12.09 -18.32 -7.68
CA SER A 108 -11.41 -17.72 -8.84
C SER A 108 -9.92 -17.59 -8.59
N ALA A 109 -9.52 -17.18 -7.38
CA ALA A 109 -8.10 -17.02 -7.09
C ALA A 109 -7.36 -18.35 -7.14
N HIS A 110 -7.94 -19.38 -6.53
N HIS A 110 -7.95 -19.40 -6.56
CA HIS A 110 -7.32 -20.70 -6.56
CA HIS A 110 -7.28 -20.69 -6.57
C HIS A 110 -7.19 -21.21 -7.99
C HIS A 110 -7.21 -21.27 -7.97
N SER A 111 -8.23 -21.04 -8.80
CA SER A 111 -8.18 -21.48 -10.19
C SER A 111 -7.19 -20.69 -11.02
N ALA A 112 -6.79 -19.51 -10.56
CA ALA A 112 -5.79 -18.69 -11.25
C ALA A 112 -4.38 -19.00 -10.79
N GLY A 113 -4.19 -19.97 -9.89
CA GLY A 113 -2.87 -20.31 -9.40
C GLY A 113 -2.34 -19.45 -8.28
N VAL A 114 -3.16 -18.55 -7.73
CA VAL A 114 -2.72 -17.67 -6.66
C VAL A 114 -3.59 -17.89 -5.43
N GLY A 115 -3.94 -19.15 -5.17
CA GLY A 115 -4.78 -19.44 -4.02
C GLY A 115 -4.09 -19.22 -2.70
N ALA A 116 -2.82 -19.60 -2.60
CA ALA A 116 -2.10 -19.48 -1.35
C ALA A 116 -1.95 -18.03 -0.92
N ILE A 117 -1.37 -17.20 -1.79
CA ILE A 117 -1.16 -15.80 -1.45
C ILE A 117 -2.50 -15.11 -1.22
N PHE A 118 -3.53 -15.50 -1.99
CA PHE A 118 -4.87 -14.98 -1.75
C PHE A 118 -5.32 -15.26 -0.32
N ASP A 119 -5.11 -16.49 0.14
CA ASP A 119 -5.52 -16.87 1.49
C ASP A 119 -4.79 -16.05 2.55
N ARG A 120 -3.47 -15.86 2.35
N ARG A 120 -3.48 -15.82 2.34
CA ARG A 120 -2.70 -15.06 3.30
CA ARG A 120 -2.72 -15.06 3.32
C ARG A 120 -3.26 -13.64 3.39
C ARG A 120 -3.18 -13.61 3.39
N VAL A 121 -3.57 -13.03 2.25
CA VAL A 121 -4.08 -11.66 2.25
C VAL A 121 -5.35 -11.57 3.07
N LEU A 122 -6.26 -12.53 2.89
CA LEU A 122 -7.54 -12.47 3.60
C LEU A 122 -7.37 -12.74 5.10
N THR A 123 -6.55 -13.72 5.46
N THR A 123 -6.53 -13.72 5.47
CA THR A 123 -6.42 -14.10 6.87
CA THR A 123 -6.41 -14.10 6.86
C THR A 123 -5.52 -13.13 7.64
C THR A 123 -5.50 -13.17 7.65
N GLU A 124 -4.45 -12.67 7.02
CA GLU A 124 -3.48 -11.83 7.72
C GLU A 124 -3.73 -10.34 7.56
N LEU A 125 -4.53 -9.92 6.59
CA LEU A 125 -4.74 -8.49 6.37
C LEU A 125 -6.21 -8.12 6.36
N VAL A 126 -6.96 -8.60 5.36
CA VAL A 126 -8.35 -8.15 5.20
C VAL A 126 -9.17 -8.47 6.43
N SER A 127 -9.17 -9.74 6.85
CA SER A 127 -9.97 -10.14 8.00
C SER A 127 -9.53 -9.41 9.26
N LYS A 128 -8.21 -9.26 9.45
CA LYS A 128 -7.71 -8.55 10.62
C LYS A 128 -8.14 -7.08 10.59
N MET A 129 -8.08 -6.44 9.42
CA MET A 129 -8.57 -5.07 9.31
C MET A 129 -10.06 -4.99 9.65
N ARG A 130 -10.85 -5.93 9.14
CA ARG A 130 -12.29 -5.88 9.37
C ARG A 130 -12.63 -6.12 10.83
N ASP A 131 -11.96 -7.10 11.46
CA ASP A 131 -12.30 -7.45 12.84
C ASP A 131 -12.09 -6.28 13.79
N MET A 132 -10.98 -5.56 13.64
CA MET A 132 -10.70 -4.41 14.49
C MET A 132 -11.30 -3.11 13.97
N GLN A 133 -11.99 -3.17 12.83
CA GLN A 133 -12.62 -1.99 12.24
C GLN A 133 -11.61 -0.86 12.03
N MET A 134 -10.48 -1.21 11.42
CA MET A 134 -9.49 -0.20 11.06
C MET A 134 -10.12 0.85 10.15
N ASP A 135 -10.04 2.12 10.57
CA ASP A 135 -10.62 3.18 9.77
C ASP A 135 -9.58 3.77 8.82
N LYS A 136 -10.04 4.68 7.95
CA LYS A 136 -9.18 5.20 6.90
C LYS A 136 -8.08 6.09 7.46
N THR A 137 -8.31 6.75 8.59
CA THR A 137 -7.25 7.51 9.23
C THR A 137 -6.11 6.61 9.67
N GLU A 138 -6.46 5.50 10.34
CA GLU A 138 -5.44 4.54 10.76
C GLU A 138 -4.76 3.90 9.56
N LEU A 139 -5.51 3.62 8.50
CA LEU A 139 -4.92 3.06 7.28
C LEU A 139 -3.93 4.04 6.68
N GLY A 140 -4.33 5.32 6.53
CA GLY A 140 -3.44 6.30 5.95
C GLY A 140 -2.17 6.49 6.77
N CYS A 141 -2.28 6.43 8.10
CA CYS A 141 -1.10 6.56 8.94
C CYS A 141 -0.17 5.35 8.78
N LEU A 142 -0.73 4.15 8.69
CA LEU A 142 0.10 2.97 8.46
C LEU A 142 0.81 3.07 7.11
N ARG A 143 0.10 3.49 6.07
CA ARG A 143 0.71 3.64 4.76
C ARG A 143 1.77 4.75 4.77
N ALA A 144 1.53 5.82 5.53
CA ALA A 144 2.53 6.87 5.66
C ALA A 144 3.77 6.35 6.37
N ILE A 145 3.59 5.52 7.39
CA ILE A 145 4.73 4.90 8.05
C ILE A 145 5.52 4.05 7.06
N VAL A 146 4.82 3.27 6.24
CA VAL A 146 5.50 2.47 5.21
C VAL A 146 6.21 3.38 4.22
N LEU A 147 5.56 4.47 3.81
CA LEU A 147 6.16 5.40 2.86
C LEU A 147 7.47 5.96 3.42
N PHE A 148 7.45 6.39 4.68
CA PHE A 148 8.64 6.95 5.33
C PHE A 148 9.50 5.82 5.89
N ASN A 149 10.04 5.02 4.98
CA ASN A 149 10.84 3.86 5.36
C ASN A 149 12.31 4.26 5.48
N PRO A 150 12.84 4.41 6.70
CA PRO A 150 14.25 4.78 6.84
C PRO A 150 15.21 3.68 6.43
N ASP A 151 14.75 2.45 6.25
CA ASP A 151 15.62 1.35 5.82
C ASP A 151 15.86 1.35 4.32
N SER A 152 15.20 2.23 3.57
CA SER A 152 15.39 2.28 2.13
C SER A 152 16.85 2.60 1.79
N LYS A 153 17.42 1.84 0.88
CA LYS A 153 18.82 2.04 0.49
C LYS A 153 18.95 3.24 -0.43
N GLY A 154 20.02 4.02 -0.22
CA GLY A 154 20.32 5.15 -1.05
C GLY A 154 19.81 6.48 -0.55
N LEU A 155 19.01 6.50 0.50
CA LEU A 155 18.49 7.75 1.02
C LEU A 155 19.62 8.70 1.39
N SER A 156 19.55 9.93 0.88
CA SER A 156 20.60 10.91 1.17
C SER A 156 20.66 11.26 2.65
N ASN A 157 19.53 11.14 3.35
CA ASN A 157 19.48 11.44 4.79
C ASN A 157 18.43 10.53 5.43
N PRO A 158 18.82 9.31 5.80
CA PRO A 158 17.85 8.40 6.41
C PRO A 158 17.29 8.91 7.72
N ALA A 159 18.09 9.68 8.49
CA ALA A 159 17.58 10.22 9.74
C ALA A 159 16.37 11.11 9.52
N GLU A 160 16.39 11.91 8.44
CA GLU A 160 15.26 12.78 8.15
C GLU A 160 13.99 11.96 7.90
N VAL A 161 14.11 10.89 7.12
CA VAL A 161 12.96 10.03 6.87
C VAL A 161 12.49 9.39 8.17
N GLU A 162 13.43 9.01 9.04
CA GLU A 162 13.05 8.41 10.31
C GLU A 162 12.30 9.40 11.19
N ALA A 163 12.69 10.67 11.16
CA ALA A 163 11.98 11.69 11.91
C ALA A 163 10.54 11.82 11.45
N LEU A 164 10.32 11.78 10.13
CA LEU A 164 8.96 11.87 9.60
C LEU A 164 8.13 10.66 10.03
N ARG A 165 8.71 9.46 9.95
CA ARG A 165 8.02 8.27 10.43
C ARG A 165 7.64 8.42 11.89
N GLU A 166 8.57 8.91 12.72
CA GLU A 166 8.28 9.08 14.15
C GLU A 166 7.12 10.04 14.36
N LYS A 167 7.06 11.13 13.60
CA LYS A 167 5.94 12.04 13.70
C LYS A 167 4.63 11.35 13.29
N VAL A 168 4.69 10.43 12.33
CA VAL A 168 3.47 9.78 11.86
C VAL A 168 2.87 8.91 12.97
N TYR A 169 3.66 7.98 13.51
CA TYR A 169 3.11 7.10 14.53
C TYR A 169 2.95 7.80 15.88
N ALA A 170 3.56 8.98 16.06
CA ALA A 170 3.22 9.80 17.21
C ALA A 170 1.81 10.34 17.10
N SER A 171 1.46 10.86 15.92
N SER A 171 1.45 10.86 15.92
CA SER A 171 0.10 11.35 15.70
CA SER A 171 0.10 11.35 15.71
C SER A 171 -0.92 10.21 15.65
C SER A 171 -0.91 10.21 15.66
N LEU A 172 -0.51 9.04 15.15
CA LEU A 172 -1.42 7.90 15.09
C LEU A 172 -1.79 7.43 16.50
N GLU A 173 -0.80 7.30 17.37
CA GLU A 173 -1.09 6.87 18.74
C GLU A 173 -2.04 7.83 19.43
N ALA A 174 -1.80 9.15 19.28
CA ALA A 174 -2.71 10.12 19.88
C ALA A 174 -4.12 9.98 19.31
N TYR A 175 -4.22 9.73 18.00
CA TYR A 175 -5.54 9.54 17.39
C TYR A 175 -6.25 8.34 17.99
N CYS A 176 -5.55 7.21 18.10
CA CYS A 176 -6.17 6.00 18.62
C CYS A 176 -6.61 6.18 20.07
N LYS A 177 -5.80 6.86 20.88
CA LYS A 177 -6.15 7.04 22.28
C LYS A 177 -7.33 7.98 22.46
N HIS A 178 -7.49 8.96 21.57
CA HIS A 178 -8.64 9.84 21.63
C HIS A 178 -9.88 9.19 21.05
N LYS A 179 -9.74 8.51 19.91
CA LYS A 179 -10.89 7.89 19.26
C LYS A 179 -11.31 6.60 19.93
N TYR A 180 -10.37 5.82 20.44
CA TYR A 180 -10.64 4.53 21.06
C TYR A 180 -9.96 4.49 22.44
N PRO A 181 -10.44 5.28 23.38
CA PRO A 181 -9.78 5.34 24.70
C PRO A 181 -9.81 4.04 25.47
N GLU A 182 -10.76 3.15 25.18
CA GLU A 182 -10.90 1.90 25.91
C GLU A 182 -10.16 0.74 25.25
N GLN A 183 -9.41 1.00 24.17
CA GLN A 183 -8.60 -0.02 23.51
C GLN A 183 -7.14 0.40 23.64
N PRO A 184 -6.53 0.18 24.81
CA PRO A 184 -5.16 0.64 25.01
C PRO A 184 -4.16 0.02 24.06
N GLY A 185 -4.35 -1.23 23.66
CA GLY A 185 -3.45 -1.92 22.76
C GLY A 185 -3.74 -1.73 21.29
N ARG A 186 -4.64 -0.80 20.93
CA ARG A 186 -5.00 -0.64 19.53
C ARG A 186 -3.81 -0.12 18.71
N PHE A 187 -3.09 0.86 19.25
CA PHE A 187 -1.94 1.42 18.53
C PHE A 187 -0.93 0.32 18.19
N ALA A 188 -0.56 -0.50 19.17
CA ALA A 188 0.39 -1.58 18.91
C ALA A 188 -0.19 -2.60 17.95
N LYS A 189 -1.49 -2.89 18.06
CA LYS A 189 -2.12 -3.85 17.16
C LYS A 189 -2.01 -3.39 15.71
N LEU A 190 -2.15 -2.09 15.46
CA LEU A 190 -2.02 -1.57 14.11
C LEU A 190 -0.60 -1.78 13.58
N LEU A 191 0.40 -1.38 14.36
CA LEU A 191 1.79 -1.53 13.92
C LEU A 191 2.15 -2.99 13.69
N LEU A 192 1.56 -3.90 14.46
CA LEU A 192 1.92 -5.31 14.37
C LEU A 192 1.31 -6.02 13.16
N ARG A 193 0.62 -5.29 12.28
CA ARG A 193 0.24 -5.82 10.99
C ARG A 193 1.28 -5.57 9.91
N LEU A 194 2.27 -4.73 10.18
CA LEU A 194 3.30 -4.36 9.21
C LEU A 194 4.22 -5.54 8.89
N PRO A 195 4.57 -6.38 9.87
CA PRO A 195 5.35 -7.58 9.53
C PRO A 195 4.64 -8.48 8.53
N ALA A 196 3.34 -8.71 8.70
CA ALA A 196 2.59 -9.49 7.72
C ALA A 196 2.57 -8.80 6.37
N LEU A 197 2.37 -7.48 6.36
CA LEU A 197 2.40 -6.73 5.11
C LEU A 197 3.74 -6.86 4.42
N ARG A 198 4.83 -6.91 5.20
CA ARG A 198 6.16 -7.04 4.62
C ARG A 198 6.34 -8.38 3.92
N SER A 199 6.02 -9.48 4.61
CA SER A 199 6.20 -10.79 4.00
C SER A 199 5.20 -11.02 2.88
N ILE A 200 3.96 -10.56 3.04
CA ILE A 200 2.97 -10.69 1.97
C ILE A 200 3.41 -9.89 0.75
N GLY A 201 3.93 -8.68 0.97
CA GLY A 201 4.42 -7.89 -0.15
C GLY A 201 5.52 -8.60 -0.91
N LEU A 202 6.43 -9.27 -0.20
CA LEU A 202 7.51 -10.00 -0.86
C LEU A 202 6.96 -11.13 -1.72
N LYS A 203 5.98 -11.87 -1.21
CA LYS A 203 5.40 -12.96 -1.99
C LYS A 203 4.61 -12.44 -3.18
N CYS A 204 3.82 -11.37 -2.98
CA CYS A 204 3.10 -10.77 -4.09
C CYS A 204 4.07 -10.32 -5.18
N LEU A 205 5.19 -9.71 -4.79
CA LEU A 205 6.18 -9.28 -5.77
C LEU A 205 6.72 -10.47 -6.56
N GLU A 206 6.87 -11.62 -5.90
CA GLU A 206 7.32 -12.82 -6.63
C GLU A 206 6.33 -13.19 -7.72
N HIS A 207 5.03 -13.17 -7.41
CA HIS A 207 4.03 -13.50 -8.43
C HIS A 207 4.05 -12.49 -9.57
N LEU A 208 4.26 -11.21 -9.27
CA LEU A 208 4.35 -10.21 -10.32
C LEU A 208 5.50 -10.53 -11.27
N PHE A 209 6.61 -11.04 -10.74
CA PHE A 209 7.71 -11.47 -11.60
C PHE A 209 7.37 -12.76 -12.34
N PHE A 210 6.62 -13.67 -11.70
CA PHE A 210 6.10 -14.82 -12.41
C PHE A 210 5.30 -14.38 -13.64
N PHE A 211 4.41 -13.40 -13.44
CA PHE A 211 3.58 -12.93 -14.54
C PHE A 211 4.43 -12.26 -15.62
N LYS A 212 5.37 -11.41 -15.21
CA LYS A 212 6.22 -10.72 -16.18
C LYS A 212 7.16 -11.69 -16.88
N LEU A 213 7.87 -12.52 -16.10
CA LEU A 213 8.89 -13.38 -16.68
C LEU A 213 8.31 -14.27 -17.78
N ILE A 214 7.15 -14.88 -17.52
CA ILE A 214 6.51 -15.76 -18.50
C ILE A 214 6.11 -15.02 -19.76
N GLY A 215 6.04 -13.69 -19.72
CA GLY A 215 5.78 -12.91 -20.92
C GLY A 215 4.38 -13.08 -21.47
N ASP A 216 3.59 -13.94 -20.83
CA ASP A 216 2.22 -14.18 -21.27
C ASP A 216 1.26 -13.09 -20.83
N THR A 217 1.55 -12.43 -19.69
CA THR A 217 0.63 -11.43 -19.15
C THR A 217 1.11 -10.03 -19.50
N PRO A 218 0.25 -9.16 -20.03
CA PRO A 218 0.69 -7.80 -20.39
C PRO A 218 1.07 -7.01 -19.15
N ILE A 219 2.16 -6.26 -19.27
CA ILE A 219 2.69 -5.42 -18.20
C ILE A 219 2.83 -4.02 -18.73
N ASP A 220 2.09 -3.07 -18.14
CA ASP A 220 2.05 -1.71 -18.66
C ASP A 220 3.26 -0.91 -18.17
N THR A 221 3.33 0.35 -18.61
CA THR A 221 4.55 1.13 -18.50
C THR A 221 4.96 1.34 -17.04
N PHE A 222 4.09 1.96 -16.25
CA PHE A 222 4.48 2.34 -14.89
C PHE A 222 4.87 1.12 -14.08
N LEU A 223 4.01 0.09 -14.07
CA LEU A 223 4.36 -1.14 -13.37
C LEU A 223 5.66 -1.73 -13.90
N MET A 224 5.85 -1.69 -15.22
CA MET A 224 7.09 -2.18 -15.81
C MET A 224 8.29 -1.42 -15.26
N GLU A 225 8.15 -0.10 -15.08
CA GLU A 225 9.26 0.70 -14.57
C GLU A 225 9.59 0.33 -13.13
N MET A 226 8.56 0.03 -12.32
CA MET A 226 8.82 -0.32 -10.93
C MET A 226 9.48 -1.70 -10.81
N LEU A 227 9.11 -2.63 -11.69
CA LEU A 227 9.66 -3.98 -11.64
C LEU A 227 11.09 -4.06 -12.17
N GLU A 228 11.61 -3.00 -12.77
CA GLU A 228 12.96 -2.98 -13.31
C GLU A 228 13.81 -2.00 -12.52
N ALA A 229 15.11 -2.31 -12.42
CA ALA A 229 16.06 -1.51 -11.66
C ALA A 229 16.05 -0.05 -12.10
N LYS B 1 8.66 4.60 -18.51
CA LYS B 1 9.62 5.07 -19.48
C LYS B 1 9.96 6.53 -19.25
N HIS B 2 11.21 6.91 -19.51
CA HIS B 2 11.66 8.30 -19.34
C HIS B 2 11.43 8.79 -17.92
N LYS B 3 11.62 7.89 -16.95
CA LYS B 3 11.45 8.23 -15.53
C LYS B 3 10.03 8.76 -15.28
N ILE B 4 9.04 7.91 -15.59
CA ILE B 4 7.65 8.32 -15.40
C ILE B 4 7.40 8.70 -13.95
N LEU B 5 8.07 8.02 -13.01
CA LEU B 5 7.94 8.38 -11.60
C LEU B 5 8.52 9.77 -11.33
N HIS B 6 9.71 10.03 -11.87
CA HIS B 6 10.33 11.35 -11.71
C HIS B 6 9.40 12.44 -12.24
N ARG B 7 8.90 12.27 -13.47
CA ARG B 7 8.10 13.31 -14.10
C ARG B 7 6.75 13.48 -13.41
N LEU B 8 6.20 12.40 -12.86
CA LEU B 8 4.92 12.53 -12.13
C LEU B 8 5.10 13.26 -10.80
N LEU B 9 6.26 13.09 -10.16
CA LEU B 9 6.52 13.82 -8.92
C LEU B 9 6.80 15.30 -9.19
N GLN B 10 7.40 15.62 -10.34
CA GLN B 10 7.73 17.00 -10.64
C GLN B 10 6.48 17.81 -11.00
N ASP B 11 5.67 17.28 -11.92
CA ASP B 11 4.49 18.02 -12.37
C ASP B 11 3.51 18.24 -11.23
N SER B 12 2.95 19.44 -11.17
CA SER B 12 1.96 19.77 -10.15
C SER B 12 0.55 19.77 -10.75
C2 7O0 C . -3.51 -4.50 -6.62
C5 7O0 C . -0.91 -7.19 -6.22
C6 7O0 C . -0.91 -8.67 -6.12
C7 7O0 C . -1.86 -9.33 -5.35
C8 7O0 C . -1.88 -10.71 -5.21
C11 7O0 C . -5.07 -10.43 -5.30
C16 7O0 C . -0.91 -11.45 -5.88
C15 7O0 C . -4.74 -12.78 -5.43
C14 7O0 C . -5.97 -12.92 -6.06
C13 7O0 C . -6.74 -11.81 -6.31
C12 7O0 C . -6.30 -10.56 -5.94
C17 7O0 C . 0.05 -10.82 -6.65
C 7O0 C . -5.19 -2.70 -6.58
O 7O0 C . -6.12 -3.47 -6.80
C4 7O0 C . -2.12 -6.52 -6.48
O1 7O0 C . -5.36 -1.43 -6.43
C1 7O0 C . -3.80 -3.20 -6.49
C3 7O0 C . -2.20 -5.13 -6.48
C21 7O0 C . -1.05 -4.39 -6.24
C20 7O0 C . 0.15 -5.02 -6.01
C19 7O0 C . 0.23 -6.40 -5.99
O2 7O0 C . 1.43 -7.00 -5.75
C18 7O0 C . 0.06 -9.44 -6.77
C9 7O0 C . -2.93 -11.39 -4.36
C10 7O0 C . -4.28 -11.54 -5.04
H2 7O0 C . -4.30 -5.20 -6.85
H4 7O0 C . -2.62 -8.72 -4.83
H7 7O0 C . -4.72 -9.44 -5.01
H12 7O0 C . -0.91 -12.53 -5.78
H11 7O0 C . -4.14 -13.68 -5.23
H10 7O0 C . -6.31 -13.91 -6.35
H9 7O0 C . -7.71 -11.92 -6.81
H8 7O0 C . -6.89 -9.68 -6.13
H13 7O0 C . 0.79 -11.41 -7.16
H3 7O0 C . -3.00 -7.12 -6.68
H 7O0 C . -6.32 -1.17 -6.51
H1 7O0 C . -3.06 -2.43 -6.32
H17 7O0 C . -1.09 -3.30 -6.25
H16 7O0 C . 1.05 -4.41 -5.84
H15 7O0 C . 2.12 -6.30 -5.61
H14 7O0 C . 0.82 -8.96 -7.38
H6 7O0 C . -2.61 -12.38 -4.06
H5 7O0 C . -3.03 -10.82 -3.43
#